data_4KBX
#
_entry.id   4KBX
#
_cell.length_a   66.920
_cell.length_b   82.651
_cell.length_c   149.460
_cell.angle_alpha   90.00
_cell.angle_beta   90.00
_cell.angle_gamma   90.00
#
_symmetry.space_group_name_H-M   'C 2 2 21'
#
loop_
_entity.id
_entity.type
_entity.pdbx_description
1 polymer 'Uncharacterized protein YhfX'
2 non-polymer 'SULFATE ION'
3 non-polymer GLYCEROL
4 non-polymer 'CHLORIDE ION'
5 water water
#
_entity_poly.entity_id   1
_entity_poly.type   'polypeptide(L)'
_entity_poly.pdbx_seq_one_letter_code
;(ACE)(MSE)FVEAL(LLP)RQNPALISAALSLWQQGKIAPDSWVIDVDQILENGKRLIETARLYGIELYL(MSE)T
(LLP)QFGRNPWLAEKLLALGYSGIVAVDYKEARV(MSE)RRAGLPVAHQGHLVQIPCHQVADAVEQGTDVITVFTLDKA
REVSAAAVKAGRIQSVLLKVYSDDDFLYPGQESGFALKVLPEIVAEIQNLPGLHLAGLTHFPCLLWDEAVGKVLPTPNLH
TLIQARDQLAKSGIALEQLNAPSATSCTSLPLLAQYGVTHAEPGHALTGTIPANQQGDQPERIA(MSE)LWLSEISHHFR
GDSYCYGGGYYRRGHAQHALVFTPENQKITETNLKTVDDSSIDYTLPLAGEFPVSSAVVLCFRTQIFVTRSDVVLVSGIH
RGEPEIVGRYDSLGNSLGA
;
_entity_poly.pdbx_strand_id   A
#
loop_
_chem_comp.id
_chem_comp.type
_chem_comp.name
_chem_comp.formula
ACE non-polymer 'ACETYL GROUP' 'C2 H4 O'
CL non-polymer 'CHLORIDE ION' 'Cl -1'
GOL non-polymer GLYCEROL 'C3 H8 O3'
SO4 non-polymer 'SULFATE ION' 'O4 S -2'
#
# COMPACT_ATOMS: atom_id res chain seq x y z
C ACE A 1 11.12 -1.82 14.18
O ACE A 1 10.55 -1.41 15.18
CH3 ACE A 1 12.53 -1.47 13.98
N MSE A 2 10.70 -2.50 13.10
CA MSE A 2 11.53 -3.17 12.09
C MSE A 2 12.16 -2.23 11.05
O MSE A 2 13.08 -2.62 10.35
CB MSE A 2 10.71 -4.25 11.36
CG MSE A 2 9.61 -3.70 10.49
SE MSE A 2 8.79 -5.03 9.25
CE MSE A 2 10.31 -5.37 8.11
N PHE A 3 11.70 -0.98 11.01
CA PHE A 3 12.30 0.00 10.09
C PHE A 3 13.08 1.13 10.79
N VAL A 4 13.26 1.03 12.10
CA VAL A 4 14.00 2.07 12.82
C VAL A 4 15.45 2.17 12.33
N GLU A 5 16.09 1.02 12.13
CA GLU A 5 17.44 1.00 11.55
C GLU A 5 17.49 1.70 10.20
N ALA A 6 16.54 1.38 9.34
CA ALA A 6 16.49 1.97 8.01
C ALA A 6 16.21 3.46 8.07
N LEU A 7 15.32 3.87 8.97
CA LEU A 7 15.00 5.27 9.19
C LEU A 7 16.24 6.06 9.62
N1 LLP A 8 19.96 10.03 18.90
C2 LLP A 8 19.38 9.86 17.72
C2' LLP A 8 19.14 11.04 16.83
C3 LLP A 8 18.98 8.59 17.35
O3 LLP A 8 18.38 8.43 16.14
C4 LLP A 8 19.22 7.50 18.19
C4' LLP A 8 18.77 6.13 17.74
C5 LLP A 8 19.84 7.73 19.43
C6 LLP A 8 20.20 9.02 19.73
C5' LLP A 8 20.15 6.64 20.39
OP4 LLP A 8 21.11 5.77 19.91
P LLP A 8 22.08 4.97 20.83
OP1 LLP A 8 23.19 4.39 19.99
OP2 LLP A 8 21.32 3.84 21.51
OP3 LLP A 8 22.66 5.88 21.89
N LLP A 8 16.98 5.51 10.58
CA LLP A 8 18.16 6.17 11.10
CB LLP A 8 18.75 5.37 12.22
CG LLP A 8 18.03 5.44 13.55
CD LLP A 8 18.41 4.37 14.56
CE LLP A 8 18.03 4.70 15.99
NZ LLP A 8 18.43 6.06 16.35
C LLP A 8 19.18 6.36 10.01
O LLP A 8 19.88 7.37 9.98
N ARG A 9 19.27 5.40 9.10
CA ARG A 9 20.28 5.45 8.04
C ARG A 9 19.86 6.35 6.88
N GLN A 10 18.62 6.19 6.43
CA GLN A 10 18.17 6.85 5.21
C GLN A 10 17.52 8.22 5.38
N ASN A 11 16.93 8.48 6.55
CA ASN A 11 16.19 9.73 6.73
C ASN A 11 16.20 10.25 8.17
N PRO A 12 17.40 10.48 8.71
CA PRO A 12 17.45 11.07 10.04
C PRO A 12 16.80 12.46 10.10
N ALA A 13 16.75 13.17 8.98
CA ALA A 13 16.14 14.49 8.94
C ALA A 13 14.64 14.42 9.26
N LEU A 14 14.01 13.30 8.92
CA LEU A 14 12.59 13.14 9.21
C LEU A 14 12.36 13.00 10.72
N ILE A 15 13.25 12.27 11.40
CA ILE A 15 13.19 12.18 12.85
C ILE A 15 13.29 13.58 13.45
N SER A 16 14.28 14.35 12.99
CA SER A 16 14.49 15.68 13.53
C SER A 16 13.30 16.60 13.27
N ALA A 17 12.75 16.52 12.06
CA ALA A 17 11.61 17.35 11.71
C ALA A 17 10.38 17.03 12.55
N ALA A 18 10.12 15.74 12.73
CA ALA A 18 8.94 15.29 13.47
C ALA A 18 9.01 15.78 14.91
N LEU A 19 10.16 15.58 15.55
CA LEU A 19 10.35 15.98 16.94
C LEU A 19 10.27 17.48 17.08
N SER A 20 10.86 18.21 16.13
CA SER A 20 10.83 19.67 16.16
C SER A 20 9.40 20.18 16.09
N LEU A 21 8.63 19.65 15.14
CA LEU A 21 7.25 20.07 14.97
C LEU A 21 6.37 19.68 16.17
N TRP A 22 6.62 18.52 16.75
CA TRP A 22 5.91 18.11 17.96
C TRP A 22 6.20 19.08 19.11
N GLN A 23 7.48 19.45 19.27
CA GLN A 23 7.87 20.36 20.35
C GLN A 23 7.19 21.72 20.19
N GLN A 24 6.92 22.10 18.94
CA GLN A 24 6.20 23.32 18.62
C GLN A 24 4.69 23.18 18.80
N GLY A 25 4.23 21.99 19.17
CA GLY A 25 2.80 21.74 19.37
C GLY A 25 2.01 21.57 18.08
N LYS A 26 2.70 21.13 17.02
CA LYS A 26 2.08 21.05 15.69
C LYS A 26 1.77 19.62 15.24
N ILE A 27 2.24 18.63 15.99
CA ILE A 27 1.93 17.24 15.68
C ILE A 27 1.49 16.49 16.92
N ALA A 28 0.25 16.02 16.93
CA ALA A 28 -0.32 15.30 18.05
C ALA A 28 0.13 13.84 18.01
N PRO A 29 0.13 13.16 19.18
CA PRO A 29 0.47 11.74 19.24
C PRO A 29 -0.49 10.87 18.41
N ASP A 30 -0.01 9.72 17.99
CA ASP A 30 -0.70 8.85 17.03
C ASP A 30 -0.86 9.54 15.69
N SER A 31 0.25 10.03 15.17
CA SER A 31 0.32 10.57 13.81
C SER A 31 1.46 9.92 13.04
N TRP A 32 1.19 9.48 11.82
CA TRP A 32 2.28 9.13 10.91
C TRP A 32 2.71 10.43 10.29
N VAL A 33 4.02 10.70 10.31
CA VAL A 33 4.55 11.90 9.71
C VAL A 33 5.24 11.51 8.40
N ILE A 34 4.75 12.09 7.31
CA ILE A 34 5.20 11.73 5.98
C ILE A 34 6.09 12.80 5.39
N ASP A 35 7.27 12.39 4.93
CA ASP A 35 8.23 13.28 4.27
C ASP A 35 7.79 13.39 2.80
N VAL A 36 7.11 14.48 2.48
CA VAL A 36 6.57 14.67 1.13
C VAL A 36 7.68 14.74 0.06
N ASP A 37 8.76 15.45 0.37
CA ASP A 37 9.90 15.53 -0.55
C ASP A 37 10.38 14.12 -0.89
N GLN A 38 10.50 13.27 0.12
CA GLN A 38 11.04 11.93 -0.08
C GLN A 38 10.06 10.98 -0.77
N ILE A 39 8.78 11.04 -0.41
CA ILE A 39 7.83 10.15 -1.06
C ILE A 39 7.73 10.46 -2.57
N LEU A 40 7.82 11.74 -2.93
CA LEU A 40 7.79 12.13 -4.34
C LEU A 40 9.07 11.72 -5.05
N GLU A 41 10.20 11.83 -4.38
CA GLU A 41 11.45 11.33 -4.96
C GLU A 41 11.38 9.83 -5.21
N ASN A 42 10.87 9.09 -4.21
CA ASN A 42 10.71 7.64 -4.34
C ASN A 42 9.78 7.31 -5.51
N GLY A 43 8.69 8.06 -5.62
CA GLY A 43 7.71 7.83 -6.65
C GLY A 43 8.29 8.03 -8.05
N LYS A 44 9.14 9.04 -8.17
CA LYS A 44 9.83 9.33 -9.41
C LYS A 44 10.81 8.23 -9.79
N ARG A 45 11.57 7.74 -8.82
CA ARG A 45 12.52 6.64 -9.07
C ARG A 45 11.80 5.38 -9.55
N LEU A 46 10.64 5.11 -8.97
CA LEU A 46 9.86 3.96 -9.38
C LEU A 46 9.41 4.10 -10.84
N ILE A 47 8.93 5.29 -11.20
CA ILE A 47 8.45 5.55 -12.55
C ILE A 47 9.61 5.39 -13.54
N GLU A 48 10.76 5.98 -13.20
CA GLU A 48 11.91 5.96 -14.12
C GLU A 48 12.41 4.55 -14.32
N THR A 49 12.37 3.76 -13.27
CA THR A 49 12.76 2.36 -13.33
C THR A 49 11.78 1.53 -14.16
N ALA A 50 10.49 1.66 -13.86
CA ALA A 50 9.47 0.92 -14.59
C ALA A 50 9.49 1.24 -16.07
N ARG A 51 9.73 2.50 -16.41
CA ARG A 51 9.72 2.94 -17.81
C ARG A 51 10.74 2.22 -18.65
N LEU A 52 11.92 1.97 -18.09
CA LEU A 52 12.95 1.26 -18.85
C LEU A 52 12.47 -0.14 -19.24
N TYR A 53 11.74 -0.78 -18.33
CA TYR A 53 11.23 -2.13 -18.58
C TYR A 53 9.90 -2.15 -19.33
N GLY A 54 9.32 -0.98 -19.55
CA GLY A 54 8.02 -0.89 -20.20
C GLY A 54 6.88 -1.44 -19.34
N ILE A 55 7.06 -1.42 -18.03
CA ILE A 55 6.01 -1.82 -17.10
C ILE A 55 5.21 -0.60 -16.66
N GLU A 56 3.88 -0.67 -16.76
CA GLU A 56 3.04 0.43 -16.30
C GLU A 56 2.74 0.27 -14.81
N LEU A 57 2.67 1.39 -14.11
CA LEU A 57 2.41 1.35 -12.67
C LEU A 57 1.09 1.99 -12.29
N TYR A 58 0.32 1.28 -11.47
CA TYR A 58 -0.84 1.87 -10.80
C TYR A 58 -0.46 2.13 -9.33
N LEU A 59 -0.91 3.25 -8.80
CA LEU A 59 -0.55 3.67 -7.45
CA LEU A 59 -0.55 3.66 -7.44
C LEU A 59 -1.46 3.04 -6.39
N MSE A 60 -0.87 2.35 -5.42
CA MSE A 60 -1.63 1.79 -4.30
C MSE A 60 -1.44 2.71 -3.08
O MSE A 60 -0.30 3.03 -2.72
CB MSE A 60 -1.20 0.36 -3.98
CG MSE A 60 -1.76 -0.23 -2.68
SE MSE A 60 -3.72 -0.11 -2.53
CE MSE A 60 -4.24 -1.35 -3.93
N THR A 61 -2.55 3.14 -2.47
CA THR A 61 -2.48 4.16 -1.42
C THR A 61 -2.97 3.73 -0.04
N1 LLP A 62 -1.81 -4.08 -5.19
C2 LLP A 62 -2.89 -4.43 -4.49
C2' LLP A 62 -4.11 -4.91 -5.20
C3 LLP A 62 -2.84 -4.32 -3.11
O3 LLP A 62 -3.95 -4.68 -2.39
C4 LLP A 62 -1.69 -3.88 -2.46
C4' LLP A 62 -1.68 -3.77 -0.94
C5 LLP A 62 -0.58 -3.51 -3.23
C6 LLP A 62 -0.69 -3.63 -4.59
C5' LLP A 62 0.71 -3.02 -2.63
OP4 LLP A 62 1.39 -3.98 -1.88
P LLP A 62 2.77 -3.68 -1.16
OP1 LLP A 62 2.91 -4.76 -0.11
OP2 LLP A 62 2.69 -2.32 -0.52
OP3 LLP A 62 3.89 -3.82 -2.17
N LLP A 62 -3.46 2.50 0.09
CA LLP A 62 -4.09 2.06 1.31
CB LLP A 62 -4.57 0.63 1.19
CG LLP A 62 -3.55 -0.47 1.12
CD LLP A 62 -4.07 -1.89 0.99
CE LLP A 62 -3.02 -2.97 0.89
NZ LLP A 62 -2.99 -3.72 -0.36
C LLP A 62 -3.17 2.20 2.50
O LLP A 62 -3.59 2.62 3.59
N GLN A 63 -1.90 1.88 2.30
CA GLN A 63 -0.96 1.80 3.41
C GLN A 63 -0.63 3.17 3.99
N PHE A 64 -0.73 4.22 3.19
CA PHE A 64 -0.55 5.56 3.75
C PHE A 64 -1.87 6.29 4.00
N GLY A 65 -2.93 5.51 4.25
CA GLY A 65 -4.18 6.06 4.71
C GLY A 65 -5.04 6.60 3.59
N ARG A 66 -4.98 5.94 2.43
CA ARG A 66 -5.76 6.33 1.25
C ARG A 66 -5.81 7.84 1.08
N ASN A 67 -4.65 8.47 1.13
CA ASN A 67 -4.56 9.91 1.21
C ASN A 67 -4.66 10.57 -0.17
N PRO A 68 -5.67 11.41 -0.37
CA PRO A 68 -5.92 11.95 -1.72
C PRO A 68 -4.93 13.03 -2.14
N TRP A 69 -4.35 13.71 -1.15
CA TRP A 69 -3.37 14.76 -1.44
C TRP A 69 -2.11 14.11 -2.00
N LEU A 70 -1.60 13.10 -1.30
CA LEU A 70 -0.44 12.34 -1.78
C LEU A 70 -0.74 11.66 -3.13
N ALA A 71 -1.94 11.10 -3.25
CA ALA A 71 -2.33 10.42 -4.49
C ALA A 71 -2.26 11.36 -5.67
N GLU A 72 -2.76 12.58 -5.50
CA GLU A 72 -2.76 13.54 -6.59
C GLU A 72 -1.34 13.94 -7.00
N LYS A 73 -0.51 14.24 -6.01
CA LYS A 73 0.87 14.65 -6.29
C LYS A 73 1.66 13.52 -6.93
N LEU A 74 1.46 12.30 -6.45
CA LEU A 74 2.14 11.14 -7.02
C LEU A 74 1.68 10.83 -8.43
N LEU A 75 0.37 10.88 -8.67
CA LEU A 75 -0.15 10.61 -10.01
C LEU A 75 0.50 11.51 -11.05
N ALA A 76 0.80 12.75 -10.63
CA ALA A 76 1.38 13.75 -11.53
C ALA A 76 2.77 13.37 -12.01
N LEU A 77 3.40 12.40 -11.35
CA LEU A 77 4.73 11.94 -11.75
C LEU A 77 4.71 11.05 -12.97
N GLY A 78 3.54 10.58 -13.38
CA GLY A 78 3.44 9.76 -14.57
C GLY A 78 2.80 8.40 -14.37
N TYR A 79 2.17 8.20 -13.22
CA TYR A 79 1.50 6.94 -12.93
C TYR A 79 0.28 6.82 -13.82
N SER A 80 -0.07 5.59 -14.17
CA SER A 80 -1.18 5.33 -15.09
C SER A 80 -2.55 5.45 -14.44
N GLY A 81 -2.60 5.61 -13.12
CA GLY A 81 -3.85 5.72 -12.40
C GLY A 81 -3.71 5.15 -11.01
N ILE A 82 -4.79 5.19 -10.25
CA ILE A 82 -4.80 4.64 -8.90
C ILE A 82 -5.42 3.27 -8.90
N VAL A 83 -4.82 2.32 -8.19
CA VAL A 83 -5.50 1.05 -7.92
C VAL A 83 -6.12 1.13 -6.53
N ALA A 84 -7.44 0.96 -6.48
CA ALA A 84 -8.20 1.07 -5.23
C ALA A 84 -8.43 -0.30 -4.61
N VAL A 85 -7.97 -0.50 -3.38
CA VAL A 85 -8.02 -1.83 -2.79
C VAL A 85 -9.46 -2.27 -2.54
N ASP A 86 -10.33 -1.29 -2.28
CA ASP A 86 -11.74 -1.55 -2.05
C ASP A 86 -12.58 -0.35 -2.46
N TYR A 87 -13.89 -0.50 -2.32
CA TYR A 87 -14.82 0.51 -2.84
C TYR A 87 -14.83 1.78 -1.99
N LYS A 88 -14.38 1.69 -0.74
CA LYS A 88 -14.30 2.89 0.09
C LYS A 88 -13.08 3.71 -0.29
N GLU A 89 -12.02 3.02 -0.68
CA GLU A 89 -10.82 3.69 -1.19
C GLU A 89 -11.16 4.36 -2.52
N ALA A 90 -11.91 3.67 -3.36
CA ALA A 90 -12.34 4.25 -4.63
C ALA A 90 -13.18 5.50 -4.34
N ARG A 91 -14.00 5.43 -3.31
CA ARG A 91 -14.84 6.56 -2.91
C ARG A 91 -14.02 7.82 -2.61
N VAL A 92 -12.93 7.66 -1.87
CA VAL A 92 -12.06 8.79 -1.54
C VAL A 92 -11.49 9.41 -2.82
N MSE A 93 -11.05 8.55 -3.73
CA MSE A 93 -10.37 9.01 -4.93
C MSE A 93 -11.32 9.75 -5.86
O MSE A 93 -10.99 10.80 -6.39
CB MSE A 93 -9.68 7.85 -5.66
CG MSE A 93 -8.63 7.16 -4.80
SE MSE A 93 -7.20 8.36 -4.16
CE MSE A 93 -6.96 7.59 -2.39
N ARG A 94 -12.52 9.20 -6.03
CA ARG A 94 -13.48 9.84 -6.92
C ARG A 94 -13.99 11.16 -6.35
N ARG A 95 -14.15 11.22 -5.03
CA ARG A 95 -14.54 12.47 -4.38
C ARG A 95 -13.48 13.54 -4.58
N ALA A 96 -12.22 13.11 -4.71
CA ALA A 96 -11.11 14.03 -4.91
C ALA A 96 -10.93 14.39 -6.38
N GLY A 97 -11.70 13.75 -7.24
CA GLY A 97 -11.61 14.00 -8.67
C GLY A 97 -10.44 13.30 -9.34
N LEU A 98 -9.99 12.20 -8.75
CA LEU A 98 -8.84 11.47 -9.27
C LEU A 98 -9.28 10.25 -10.07
N PRO A 99 -8.48 9.91 -11.09
CA PRO A 99 -8.78 8.74 -11.93
C PRO A 99 -8.53 7.43 -11.18
N VAL A 100 -9.49 6.52 -11.26
CA VAL A 100 -9.28 5.17 -10.73
C VAL A 100 -9.01 4.22 -11.89
N ALA A 101 -7.81 3.68 -11.95
CA ALA A 101 -7.44 2.80 -13.06
C ALA A 101 -7.84 1.34 -12.85
N HIS A 102 -7.92 0.92 -11.60
CA HIS A 102 -8.17 -0.49 -11.32
C HIS A 102 -9.00 -0.59 -10.05
N GLN A 103 -10.14 -1.27 -10.14
CA GLN A 103 -10.97 -1.58 -8.98
C GLN A 103 -11.37 -3.06 -9.07
N GLY A 104 -11.61 -3.68 -7.91
CA GLY A 104 -11.99 -5.09 -7.85
C GLY A 104 -10.96 -5.98 -7.17
N HIS A 105 -9.73 -5.47 -6.98
CA HIS A 105 -8.66 -6.24 -6.35
C HIS A 105 -7.99 -5.33 -5.32
N LEU A 106 -7.94 -5.71 -4.05
CA LEU A 106 -8.26 -7.05 -3.55
C LEU A 106 -9.74 -7.32 -3.31
N VAL A 107 -10.55 -6.27 -3.26
CA VAL A 107 -11.96 -6.39 -2.88
C VAL A 107 -12.84 -6.05 -4.06
N GLN A 108 -13.87 -6.87 -4.27
CA GLN A 108 -14.80 -6.71 -5.39
C GLN A 108 -15.66 -5.45 -5.27
N ILE A 109 -16.36 -5.13 -6.35
CA ILE A 109 -17.28 -3.99 -6.37
C ILE A 109 -18.70 -4.44 -6.03
N PRO A 110 -19.30 -3.85 -4.97
CA PRO A 110 -20.66 -4.18 -4.56
C PRO A 110 -21.66 -3.96 -5.69
N CYS A 111 -22.73 -4.72 -5.70
CA CYS A 111 -23.63 -4.71 -6.86
C CYS A 111 -24.18 -3.32 -7.19
N HIS A 112 -24.49 -2.53 -6.19
CA HIS A 112 -25.09 -1.22 -6.45
C HIS A 112 -24.05 -0.16 -6.81
N GLN A 113 -22.79 -0.57 -6.92
CA GLN A 113 -21.72 0.34 -7.28
C GLN A 113 -21.06 0.00 -8.60
N VAL A 114 -21.47 -1.13 -9.19
CA VAL A 114 -20.91 -1.57 -10.47
C VAL A 114 -21.19 -0.55 -11.57
N ALA A 115 -22.43 -0.06 -11.65
CA ALA A 115 -22.76 0.91 -12.69
C ALA A 115 -21.92 2.18 -12.57
N ASP A 116 -21.74 2.67 -11.36
CA ASP A 116 -20.92 3.85 -11.15
C ASP A 116 -19.46 3.62 -11.57
N ALA A 117 -18.90 2.46 -11.22
CA ALA A 117 -17.52 2.17 -11.61
C ALA A 117 -17.37 2.15 -13.13
N VAL A 118 -18.36 1.57 -13.81
CA VAL A 118 -18.29 1.48 -15.26
C VAL A 118 -18.53 2.86 -15.90
N GLU A 119 -19.54 3.58 -15.42
CA GLU A 119 -19.92 4.87 -16.00
C GLU A 119 -18.91 5.98 -15.69
N GLN A 120 -18.36 5.99 -14.48
CA GLN A 120 -17.43 7.04 -14.09
C GLN A 120 -16.07 6.83 -14.73
N GLY A 121 -15.80 5.60 -15.17
CA GLY A 121 -14.54 5.29 -15.83
C GLY A 121 -13.57 4.58 -14.91
N THR A 122 -13.32 3.32 -15.22
CA THR A 122 -12.33 2.53 -14.51
C THR A 122 -11.61 1.73 -15.60
N ASP A 123 -10.30 1.92 -15.73
CA ASP A 123 -9.57 1.28 -16.85
C ASP A 123 -9.78 -0.24 -16.91
N VAL A 124 -9.54 -0.91 -15.79
CA VAL A 124 -9.81 -2.33 -15.68
C VAL A 124 -10.54 -2.63 -14.38
N ILE A 125 -11.44 -3.61 -14.43
CA ILE A 125 -12.12 -4.10 -13.25
C ILE A 125 -11.79 -5.58 -13.08
N THR A 126 -11.32 -5.97 -11.91
CA THR A 126 -11.04 -7.38 -11.64
C THR A 126 -12.30 -8.06 -11.13
N VAL A 127 -12.62 -9.21 -11.72
CA VAL A 127 -13.75 -10.03 -11.27
C VAL A 127 -13.28 -11.40 -10.74
N PHE A 128 -14.01 -11.92 -9.75
CA PHE A 128 -13.68 -13.19 -9.09
C PHE A 128 -14.69 -14.28 -9.44
N THR A 129 -15.82 -13.89 -10.02
CA THR A 129 -16.91 -14.83 -10.29
C THR A 129 -17.58 -14.48 -11.62
N LEU A 130 -18.21 -15.47 -12.26
CA LEU A 130 -19.00 -15.16 -13.45
C LEU A 130 -20.19 -14.26 -13.13
N ASP A 131 -20.80 -14.44 -11.97
CA ASP A 131 -21.93 -13.58 -11.62
C ASP A 131 -21.53 -12.10 -11.55
N LYS A 132 -20.38 -11.80 -10.95
CA LYS A 132 -19.91 -10.41 -10.95
C LYS A 132 -19.55 -9.95 -12.38
N ALA A 133 -18.95 -10.84 -13.19
CA ALA A 133 -18.68 -10.51 -14.59
C ALA A 133 -19.97 -10.16 -15.35
N ARG A 134 -21.03 -10.91 -15.06
CA ARG A 134 -22.33 -10.65 -15.68
C ARG A 134 -22.86 -9.27 -15.27
N GLU A 135 -22.66 -8.91 -13.99
CA GLU A 135 -23.08 -7.59 -13.52
C GLU A 135 -22.33 -6.48 -14.25
N VAL A 136 -21.02 -6.66 -14.41
CA VAL A 136 -20.23 -5.67 -15.11
C VAL A 136 -20.64 -5.58 -16.58
N SER A 137 -20.87 -6.74 -17.21
CA SER A 137 -21.31 -6.76 -18.61
C SER A 137 -22.62 -6.00 -18.79
N ALA A 138 -23.59 -6.27 -17.92
CA ALA A 138 -24.89 -5.60 -17.99
C ALA A 138 -24.73 -4.09 -17.84
N ALA A 139 -23.94 -3.66 -16.87
CA ALA A 139 -23.71 -2.23 -16.66
C ALA A 139 -23.05 -1.58 -17.88
N ALA A 140 -22.08 -2.26 -18.47
CA ALA A 140 -21.40 -1.72 -19.64
C ALA A 140 -22.36 -1.55 -20.82
N VAL A 141 -23.18 -2.56 -21.06
CA VAL A 141 -24.14 -2.50 -22.15
C VAL A 141 -25.12 -1.34 -21.92
N LYS A 142 -25.61 -1.20 -20.70
CA LYS A 142 -26.51 -0.10 -20.38
C LYS A 142 -25.87 1.27 -20.57
N ALA A 143 -24.55 1.35 -20.37
CA ALA A 143 -23.84 2.61 -20.49
C ALA A 143 -23.25 2.84 -21.89
N GLY A 144 -23.48 1.90 -22.80
CA GLY A 144 -22.98 2.02 -24.15
C GLY A 144 -21.46 2.01 -24.20
N ARG A 145 -20.86 1.22 -23.32
CA ARG A 145 -19.41 1.14 -23.21
C ARG A 145 -18.97 -0.32 -23.27
N ILE A 146 -17.68 -0.53 -23.52
CA ILE A 146 -17.09 -1.84 -23.35
C ILE A 146 -16.10 -1.76 -22.18
N GLN A 147 -16.32 -2.57 -21.16
CA GLN A 147 -15.47 -2.54 -19.97
C GLN A 147 -14.39 -3.60 -20.01
N SER A 148 -13.14 -3.18 -19.86
CA SER A 148 -12.04 -4.14 -19.74
C SER A 148 -12.00 -4.78 -18.37
N VAL A 149 -11.79 -6.09 -18.35
CA VAL A 149 -11.72 -6.81 -17.08
C VAL A 149 -10.48 -7.68 -16.96
N LEU A 150 -10.07 -7.89 -15.72
CA LEU A 150 -9.04 -8.86 -15.39
C LEU A 150 -9.70 -10.01 -14.64
N LEU A 151 -9.14 -11.20 -14.79
CA LEU A 151 -9.61 -12.35 -14.05
C LEU A 151 -8.60 -12.71 -12.97
N LYS A 152 -9.08 -12.91 -11.76
CA LYS A 152 -8.23 -13.40 -10.69
C LYS A 152 -8.22 -14.91 -10.77
N VAL A 153 -7.04 -15.49 -10.87
CA VAL A 153 -6.90 -16.93 -10.97
C VAL A 153 -6.28 -17.46 -9.69
N TYR A 154 -6.37 -18.76 -9.47
CA TYR A 154 -5.62 -19.39 -8.39
C TYR A 154 -5.45 -20.86 -8.66
N SER A 155 -4.47 -21.46 -7.99
CA SER A 155 -4.32 -22.92 -7.99
C SER A 155 -4.08 -23.35 -6.55
N ASP A 156 -4.20 -24.64 -6.28
CA ASP A 156 -4.22 -25.14 -4.91
C ASP A 156 -2.88 -25.01 -4.16
N ASP A 157 -1.80 -24.83 -4.89
CA ASP A 157 -0.50 -24.67 -4.25
C ASP A 157 -0.10 -23.21 -4.04
N ASP A 158 -1.01 -22.28 -4.37
CA ASP A 158 -0.73 -20.85 -4.18
C ASP A 158 -0.75 -20.43 -2.72
N PHE A 159 -0.12 -19.31 -2.42
CA PHE A 159 -0.24 -18.69 -1.11
C PHE A 159 -1.55 -17.94 -1.08
N LEU A 160 -2.51 -18.47 -0.32
CA LEU A 160 -3.83 -17.87 -0.25
C LEU A 160 -4.09 -17.41 1.17
N TYR A 161 -4.01 -16.12 1.39
CA TYR A 161 -4.11 -15.55 2.73
C TYR A 161 -5.56 -15.29 3.10
N PRO A 162 -5.86 -15.29 4.41
CA PRO A 162 -7.21 -14.97 4.91
C PRO A 162 -7.65 -13.62 4.36
N GLY A 163 -8.88 -13.55 3.84
CA GLY A 163 -9.37 -12.33 3.25
C GLY A 163 -9.09 -12.27 1.76
N GLN A 164 -8.17 -13.11 1.29
CA GLN A 164 -7.77 -13.13 -0.12
C GLN A 164 -8.04 -14.48 -0.78
N GLU A 165 -8.94 -15.26 -0.22
CA GLU A 165 -9.29 -16.56 -0.79
C GLU A 165 -10.30 -16.34 -1.90
N SER A 166 -9.83 -16.15 -3.13
CA SER A 166 -10.73 -15.70 -4.18
C SER A 166 -10.24 -16.06 -5.56
N GLY A 167 -11.16 -16.11 -6.51
CA GLY A 167 -10.79 -16.23 -7.91
C GLY A 167 -11.28 -17.48 -8.59
N PHE A 168 -10.89 -17.63 -9.84
CA PHE A 168 -11.24 -18.79 -10.64
C PHE A 168 -10.13 -19.82 -10.57
N ALA A 169 -10.48 -21.07 -10.29
CA ALA A 169 -9.49 -22.14 -10.26
C ALA A 169 -8.90 -22.37 -11.66
N LEU A 170 -7.61 -22.67 -11.70
CA LEU A 170 -6.91 -22.85 -12.97
C LEU A 170 -7.56 -23.96 -13.81
N LYS A 171 -8.10 -24.98 -13.16
CA LYS A 171 -8.71 -26.11 -13.86
C LYS A 171 -9.96 -25.74 -14.65
N VAL A 172 -10.59 -24.63 -14.31
CA VAL A 172 -11.79 -24.21 -15.02
C VAL A 172 -11.61 -22.93 -15.85
N LEU A 173 -10.38 -22.42 -15.90
CA LEU A 173 -10.13 -21.16 -16.59
C LEU A 173 -10.62 -21.10 -18.06
N PRO A 174 -10.36 -22.14 -18.86
CA PRO A 174 -10.84 -22.06 -20.26
C PRO A 174 -12.36 -21.87 -20.35
N GLU A 175 -13.10 -22.61 -19.53
CA GLU A 175 -14.56 -22.50 -19.48
C GLU A 175 -14.98 -21.07 -19.09
N ILE A 176 -14.28 -20.50 -18.11
CA ILE A 176 -14.54 -19.12 -17.71
C ILE A 176 -14.25 -18.12 -18.81
N VAL A 177 -13.10 -18.26 -19.45
CA VAL A 177 -12.70 -17.33 -20.50
C VAL A 177 -13.70 -17.38 -21.65
N ALA A 178 -14.17 -18.58 -21.99
CA ALA A 178 -15.19 -18.71 -23.03
C ALA A 178 -16.45 -17.92 -22.67
N GLU A 179 -16.89 -18.04 -21.42
CA GLU A 179 -18.03 -17.30 -20.94
C GLU A 179 -17.81 -15.79 -21.01
N ILE A 180 -16.65 -15.34 -20.53
CA ILE A 180 -16.30 -13.93 -20.57
C ILE A 180 -16.30 -13.38 -21.99
N GLN A 181 -15.72 -14.12 -22.94
CA GLN A 181 -15.69 -13.67 -24.32
C GLN A 181 -17.08 -13.61 -24.95
N ASN A 182 -18.03 -14.34 -24.39
CA ASN A 182 -19.42 -14.30 -24.88
C ASN A 182 -20.29 -13.20 -24.24
N LEU A 183 -19.79 -12.53 -23.21
CA LEU A 183 -20.55 -11.45 -22.60
C LEU A 183 -20.32 -10.14 -23.35
N PRO A 184 -21.40 -9.51 -23.83
CA PRO A 184 -21.32 -8.36 -24.74
C PRO A 184 -20.65 -7.11 -24.16
N GLY A 185 -20.75 -6.91 -22.87
CA GLY A 185 -20.23 -5.68 -22.29
C GLY A 185 -18.74 -5.66 -22.00
N LEU A 186 -18.05 -6.78 -22.24
CA LEU A 186 -16.71 -6.94 -21.69
C LEU A 186 -15.61 -7.08 -22.73
N HIS A 187 -14.41 -6.71 -22.32
CA HIS A 187 -13.19 -7.03 -23.06
C HIS A 187 -12.24 -7.70 -22.08
N LEU A 188 -11.83 -8.92 -22.39
CA LEU A 188 -10.89 -9.62 -21.53
C LEU A 188 -9.50 -9.03 -21.71
N ALA A 189 -9.04 -8.29 -20.71
CA ALA A 189 -7.76 -7.59 -20.80
C ALA A 189 -6.62 -8.40 -20.22
N GLY A 190 -6.90 -9.27 -19.27
CA GLY A 190 -5.82 -10.05 -18.67
C GLY A 190 -6.11 -10.68 -17.33
N LEU A 191 -5.07 -10.80 -16.50
CA LEU A 191 -5.12 -11.60 -15.29
C LEU A 191 -4.40 -10.90 -14.16
N THR A 192 -4.77 -11.24 -12.93
CA THR A 192 -4.05 -10.76 -11.76
C THR A 192 -4.07 -11.82 -10.66
N HIS A 193 -3.28 -11.59 -9.62
CA HIS A 193 -3.20 -12.51 -8.49
C HIS A 193 -2.49 -11.75 -7.37
N PHE A 194 -2.49 -12.31 -6.16
CA PHE A 194 -1.80 -11.68 -5.02
C PHE A 194 -1.53 -12.73 -3.96
N PRO A 195 -0.31 -12.72 -3.37
CA PRO A 195 0.85 -11.90 -3.71
C PRO A 195 1.69 -12.56 -4.81
N CYS A 196 2.24 -11.76 -5.71
CA CYS A 196 3.05 -12.31 -6.81
C CYS A 196 4.54 -12.39 -6.48
N LEU A 197 4.98 -11.56 -5.54
CA LEU A 197 6.36 -11.59 -5.08
C LEU A 197 6.29 -11.52 -3.57
N LEU A 198 7.24 -12.16 -2.89
CA LEU A 198 7.32 -12.03 -1.44
C LEU A 198 8.76 -12.01 -1.00
N TRP A 199 9.02 -11.16 -0.02
CA TRP A 199 10.31 -11.11 0.62
C TRP A 199 10.60 -12.45 1.29
N ASP A 200 11.79 -12.99 1.04
CA ASP A 200 12.22 -14.22 1.71
C ASP A 200 13.39 -13.88 2.64
N GLU A 201 13.11 -13.90 3.94
CA GLU A 201 14.08 -13.48 4.96
C GLU A 201 15.33 -14.37 4.99
N ALA A 202 15.14 -15.69 4.85
CA ALA A 202 16.25 -16.63 4.83
C ALA A 202 17.18 -16.42 3.65
N VAL A 203 16.60 -16.19 2.47
CA VAL A 203 17.38 -15.95 1.28
C VAL A 203 17.92 -14.52 1.27
N GLY A 204 17.13 -13.60 1.82
CA GLY A 204 17.46 -12.20 1.81
C GLY A 204 17.16 -11.53 0.48
N LYS A 205 16.15 -12.03 -0.22
CA LYS A 205 15.72 -11.49 -1.51
C LYS A 205 14.21 -11.58 -1.65
N VAL A 206 13.66 -10.71 -2.48
CA VAL A 206 12.28 -10.82 -2.93
C VAL A 206 12.23 -11.90 -4.02
N LEU A 207 11.34 -12.88 -3.88
CA LEU A 207 11.27 -14.01 -4.80
C LEU A 207 9.86 -14.14 -5.38
N PRO A 208 9.75 -14.72 -6.58
CA PRO A 208 8.41 -15.03 -7.10
C PRO A 208 7.72 -16.06 -6.21
N THR A 209 6.39 -15.95 -6.12
CA THR A 209 5.60 -16.89 -5.35
C THR A 209 4.98 -17.91 -6.31
N PRO A 210 4.44 -19.01 -5.76
CA PRO A 210 3.71 -19.93 -6.65
C PRO A 210 2.57 -19.20 -7.37
N ASN A 211 2.02 -18.18 -6.72
CA ASN A 211 0.95 -17.39 -7.32
C ASN A 211 1.36 -16.78 -8.66
N LEU A 212 2.58 -16.26 -8.73
CA LEU A 212 3.06 -15.67 -9.97
C LEU A 212 3.20 -16.76 -11.04
N HIS A 213 3.70 -17.91 -10.62
CA HIS A 213 3.84 -19.03 -11.55
C HIS A 213 2.50 -19.52 -12.06
N THR A 214 1.48 -19.47 -11.21
CA THR A 214 0.12 -19.80 -11.62
C THR A 214 -0.38 -18.81 -12.66
N LEU A 215 -0.10 -17.52 -12.45
CA LEU A 215 -0.47 -16.48 -13.41
C LEU A 215 0.15 -16.75 -14.77
N ILE A 216 1.45 -17.09 -14.77
CA ILE A 216 2.16 -17.34 -16.02
C ILE A 216 1.60 -18.57 -16.71
N GLN A 217 1.38 -19.63 -15.93
CA GLN A 217 0.84 -20.87 -16.45
C GLN A 217 -0.54 -20.63 -17.07
N ALA A 218 -1.34 -19.80 -16.44
CA ALA A 218 -2.65 -19.43 -16.94
C ALA A 218 -2.54 -18.67 -18.27
N ARG A 219 -1.60 -17.73 -18.35
CA ARG A 219 -1.37 -16.99 -19.58
C ARG A 219 -0.96 -17.94 -20.69
N ASP A 220 -0.03 -18.84 -20.38
CA ASP A 220 0.49 -19.77 -21.38
C ASP A 220 -0.59 -20.75 -21.83
N GLN A 221 -1.42 -21.22 -20.91
CA GLN A 221 -2.48 -22.15 -21.29
C GLN A 221 -3.45 -21.47 -22.24
N LEU A 222 -3.85 -20.25 -21.91
CA LEU A 222 -4.78 -19.50 -22.72
C LEU A 222 -4.20 -19.19 -24.10
N ALA A 223 -2.90 -18.91 -24.15
CA ALA A 223 -2.24 -18.61 -25.42
C ALA A 223 -2.35 -19.78 -26.39
N LYS A 224 -2.40 -20.99 -25.86
CA LYS A 224 -2.54 -22.19 -26.71
C LYS A 224 -3.87 -22.21 -27.47
N SER A 225 -4.86 -21.48 -26.96
CA SER A 225 -6.18 -21.40 -27.59
C SER A 225 -6.41 -20.04 -28.22
N GLY A 226 -5.31 -19.30 -28.41
CA GLY A 226 -5.34 -18.06 -29.16
C GLY A 226 -5.74 -16.83 -28.39
N ILE A 227 -5.81 -16.96 -27.07
CA ILE A 227 -6.18 -15.84 -26.22
C ILE A 227 -4.95 -14.98 -25.95
N ALA A 228 -5.03 -13.72 -26.39
CA ALA A 228 -3.94 -12.78 -26.21
C ALA A 228 -4.33 -11.83 -25.09
N LEU A 229 -3.45 -11.67 -24.11
CA LEU A 229 -3.76 -10.86 -22.93
C LEU A 229 -2.92 -9.60 -22.90
N GLU A 230 -3.56 -8.45 -22.82
CA GLU A 230 -2.83 -7.18 -22.87
C GLU A 230 -2.25 -6.80 -21.50
N GLN A 231 -2.81 -7.35 -20.43
CA GLN A 231 -2.36 -6.97 -19.10
C GLN A 231 -2.09 -8.18 -18.22
N LEU A 232 -0.86 -8.30 -17.76
CA LEU A 232 -0.51 -9.27 -16.74
C LEU A 232 -0.13 -8.41 -15.53
N ASN A 233 -1.04 -8.39 -14.56
CA ASN A 233 -0.93 -7.51 -13.40
C ASN A 233 -0.42 -8.32 -12.21
N ALA A 234 0.78 -7.97 -11.72
CA ALA A 234 1.46 -8.81 -10.72
C ALA A 234 1.91 -8.04 -9.48
N PRO A 235 0.97 -7.73 -8.58
CA PRO A 235 1.24 -6.90 -7.40
C PRO A 235 1.83 -7.67 -6.23
N SER A 236 2.28 -6.90 -5.24
CA SER A 236 2.95 -7.31 -3.99
C SER A 236 4.44 -7.12 -4.10
N ALA A 237 5.00 -6.30 -3.23
CA ALA A 237 6.42 -6.02 -3.20
C ALA A 237 6.97 -5.45 -4.51
N THR A 238 6.12 -4.77 -5.27
CA THR A 238 6.61 -4.01 -6.42
C THR A 238 7.52 -2.89 -5.91
N SER A 239 8.76 -2.87 -6.37
CA SER A 239 9.70 -1.83 -5.96
C SER A 239 10.80 -1.71 -6.99
N CYS A 240 11.68 -0.74 -6.81
CA CYS A 240 12.71 -0.49 -7.80
C CYS A 240 13.55 -1.73 -8.09
N THR A 241 13.91 -2.47 -7.06
CA THR A 241 14.79 -3.61 -7.26
C THR A 241 14.06 -4.90 -7.65
N SER A 242 12.73 -4.92 -7.54
CA SER A 242 11.97 -6.08 -7.97
C SER A 242 11.40 -5.93 -9.38
N LEU A 243 11.38 -4.69 -9.88
CA LEU A 243 10.87 -4.46 -11.23
C LEU A 243 11.60 -5.26 -12.33
N PRO A 244 12.94 -5.40 -12.24
CA PRO A 244 13.58 -6.21 -13.29
C PRO A 244 13.14 -7.67 -13.25
N LEU A 245 12.83 -8.18 -12.04
CA LEU A 245 12.37 -9.56 -11.88
C LEU A 245 11.00 -9.72 -12.53
N LEU A 246 10.09 -8.79 -12.24
CA LEU A 246 8.78 -8.77 -12.91
C LEU A 246 8.92 -8.73 -14.43
N ALA A 247 9.86 -7.92 -14.92
CA ALA A 247 10.09 -7.80 -16.36
C ALA A 247 10.47 -9.13 -16.99
N GLN A 248 11.24 -9.93 -16.24
CA GLN A 248 11.67 -11.23 -16.72
C GLN A 248 10.53 -12.22 -16.92
N TYR A 249 9.45 -12.01 -16.17
CA TYR A 249 8.24 -12.83 -16.27
C TYR A 249 7.23 -12.28 -17.26
N GLY A 250 7.56 -11.15 -17.89
CA GLY A 250 6.67 -10.55 -18.87
C GLY A 250 5.50 -9.81 -18.25
N VAL A 251 5.64 -9.44 -16.99
CA VAL A 251 4.62 -8.64 -16.31
C VAL A 251 4.49 -7.30 -17.02
N THR A 252 3.26 -6.85 -17.23
CA THR A 252 3.01 -5.60 -17.94
C THR A 252 2.60 -4.46 -17.02
N HIS A 253 2.00 -4.81 -15.88
CA HIS A 253 1.51 -3.82 -14.94
C HIS A 253 1.88 -4.24 -13.53
N ALA A 254 2.30 -3.27 -12.72
CA ALA A 254 2.62 -3.54 -11.33
C ALA A 254 2.09 -2.41 -10.46
N GLU A 255 2.14 -2.60 -9.14
CA GLU A 255 1.38 -1.74 -8.24
C GLU A 255 2.16 -1.44 -6.96
N PRO A 256 3.02 -0.42 -6.99
CA PRO A 256 3.77 -0.07 -5.78
C PRO A 256 2.86 0.52 -4.72
N GLY A 257 3.08 0.09 -3.48
CA GLY A 257 2.39 0.64 -2.32
C GLY A 257 3.46 1.05 -1.33
N HIS A 258 3.91 0.12 -0.50
CA HIS A 258 4.96 0.41 0.48
C HIS A 258 6.29 0.92 -0.10
N ALA A 259 6.56 0.60 -1.35
CA ALA A 259 7.78 1.08 -1.96
C ALA A 259 7.85 2.60 -1.97
N LEU A 260 6.69 3.24 -2.07
CA LEU A 260 6.64 4.70 -2.14
C LEU A 260 7.20 5.33 -0.88
N THR A 261 7.04 4.64 0.24
CA THR A 261 7.55 5.16 1.52
C THR A 261 8.79 4.41 2.02
N GLY A 262 9.33 3.53 1.19
CA GLY A 262 10.53 2.78 1.53
C GLY A 262 10.32 1.67 2.55
N THR A 263 9.07 1.49 2.95
CA THR A 263 8.75 0.57 4.03
C THR A 263 8.48 -0.85 3.51
N ILE A 264 9.45 -1.37 2.75
CA ILE A 264 9.38 -2.73 2.21
C ILE A 264 10.41 -3.61 2.93
N PRO A 265 10.10 -4.90 3.08
CA PRO A 265 10.98 -5.81 3.83
C PRO A 265 12.37 -5.94 3.21
N ALA A 266 12.53 -5.61 1.94
CA ALA A 266 13.84 -5.60 1.29
C ALA A 266 14.72 -4.44 1.77
N ASN A 267 14.14 -3.52 2.54
CA ASN A 267 14.84 -2.30 2.94
C ASN A 267 15.15 -2.23 4.44
N GLN A 268 15.21 -3.39 5.11
CA GLN A 268 15.49 -3.35 6.55
C GLN A 268 16.88 -2.84 6.91
N GLN A 269 17.83 -2.89 5.97
CA GLN A 269 19.14 -2.32 6.23
C GLN A 269 19.25 -0.89 5.69
N GLY A 270 18.19 -0.40 5.07
CA GLY A 270 18.16 0.96 4.58
C GLY A 270 19.10 1.14 3.40
N ASP A 271 19.10 0.16 2.50
CA ASP A 271 20.01 0.21 1.37
C ASP A 271 19.30 0.17 0.02
N GLN A 272 17.97 0.25 0.02
CA GLN A 272 17.20 0.22 -1.24
C GLN A 272 17.13 1.62 -1.83
N PRO A 273 16.81 1.72 -3.13
CA PRO A 273 16.74 3.06 -3.75
C PRO A 273 15.69 3.96 -3.11
N GLU A 274 14.56 3.39 -2.72
CA GLU A 274 13.53 4.15 -2.04
C GLU A 274 13.92 4.34 -0.59
N ARG A 275 13.91 5.60 -0.12
CA ARG A 275 14.27 5.89 1.27
C ARG A 275 13.05 5.93 2.17
N ILE A 276 13.21 5.48 3.41
CA ILE A 276 12.14 5.60 4.41
C ILE A 276 11.58 7.02 4.38
N ALA A 277 10.25 7.13 4.27
CA ALA A 277 9.61 8.43 4.14
C ALA A 277 8.46 8.62 5.13
N MSE A 278 8.39 7.77 6.14
CA MSE A 278 7.33 7.88 7.15
C MSE A 278 7.84 7.41 8.50
O MSE A 278 8.71 6.55 8.57
CB MSE A 278 6.08 7.08 6.73
CG MSE A 278 6.21 5.56 6.84
SE MSE A 278 4.77 4.63 5.89
CE MSE A 278 3.47 5.95 6.27
N LEU A 279 7.30 7.99 9.57
CA LEU A 279 7.53 7.50 10.91
C LEU A 279 6.26 7.71 11.70
N TRP A 280 6.13 7.02 12.82
CA TRP A 280 4.97 7.17 13.68
C TRP A 280 5.36 7.91 14.95
N LEU A 281 4.64 8.99 15.22
CA LEU A 281 4.91 9.83 16.39
C LEU A 281 3.86 9.62 17.46
N SER A 282 4.30 9.33 18.68
CA SER A 282 3.42 9.29 19.84
C SER A 282 4.07 10.02 21.01
N GLU A 283 3.60 9.75 22.21
CA GLU A 283 3.99 10.53 23.38
C GLU A 283 3.72 9.69 24.61
N ILE A 284 4.49 9.90 25.68
CA ILE A 284 4.31 9.13 26.90
C ILE A 284 3.08 9.60 27.67
N SER A 285 2.16 8.67 27.93
CA SER A 285 0.92 8.94 28.62
C SER A 285 1.10 8.83 30.13
N HIS A 286 1.70 7.72 30.56
CA HIS A 286 1.79 7.41 31.99
C HIS A 286 2.75 6.25 32.24
N HIS A 287 2.96 5.93 33.51
CA HIS A 287 3.73 4.74 33.88
C HIS A 287 2.88 3.76 34.66
N PHE A 288 3.29 2.51 34.62
CA PHE A 288 2.64 1.47 35.38
C PHE A 288 3.65 0.37 35.66
N ARG A 289 3.83 0.06 36.94
CA ARG A 289 4.73 -1.01 37.38
C ARG A 289 6.08 -1.00 36.68
N GLY A 290 6.73 0.16 36.66
CA GLY A 290 8.10 0.26 36.16
C GLY A 290 8.27 0.54 34.67
N ASP A 291 7.17 0.50 33.93
CA ASP A 291 7.24 0.73 32.49
C ASP A 291 6.43 1.94 32.07
N SER A 292 6.75 2.47 30.89
CA SER A 292 6.07 3.63 30.35
C SER A 292 5.10 3.20 29.26
N TYR A 293 4.03 3.98 29.12
CA TYR A 293 3.01 3.69 28.12
C TYR A 293 2.81 4.89 27.21
N CYS A 294 2.87 4.67 25.90
CA CYS A 294 2.63 5.76 24.97
C CYS A 294 1.23 5.65 24.41
N TYR A 295 0.68 6.74 23.92
CA TYR A 295 -0.61 6.70 23.26
C TYR A 295 -0.57 5.70 22.09
N GLY A 296 -1.62 4.91 21.96
CA GLY A 296 -1.69 3.95 20.87
C GLY A 296 -2.49 4.49 19.71
N GLY A 297 -3.03 3.59 18.90
CA GLY A 297 -3.84 3.98 17.76
C GLY A 297 -3.24 3.57 16.43
N GLY A 298 -1.93 3.32 16.43
CA GLY A 298 -1.23 2.98 15.21
C GLY A 298 -0.74 1.55 15.13
N TYR A 299 -1.03 0.74 16.15
CA TYR A 299 -0.54 -0.63 16.18
C TYR A 299 -1.09 -1.47 15.02
N TYR A 300 -0.20 -2.24 14.41
CA TYR A 300 -0.54 -3.17 13.32
C TYR A 300 0.11 -4.51 13.64
N ARG A 301 -0.71 -5.55 13.75
CA ARG A 301 -0.26 -6.85 14.23
C ARG A 301 0.87 -7.46 13.42
N ARG A 302 0.84 -7.23 12.10
CA ARG A 302 1.85 -7.78 11.20
C ARG A 302 3.00 -6.80 10.98
N GLY A 303 3.05 -5.76 11.80
CA GLY A 303 3.99 -4.66 11.59
C GLY A 303 5.40 -4.86 12.08
N HIS A 304 5.59 -5.82 12.97
CA HIS A 304 6.91 -6.09 13.56
C HIS A 304 7.50 -4.84 14.20
N ALA A 305 6.65 -4.06 14.87
CA ALA A 305 7.12 -2.94 15.67
C ALA A 305 7.93 -3.48 16.84
N GLN A 306 9.17 -3.01 16.95
CA GLN A 306 10.08 -3.55 17.96
C GLN A 306 10.83 -2.47 18.72
N HIS A 307 11.22 -1.41 18.03
CA HIS A 307 12.10 -0.41 18.62
C HIS A 307 11.41 0.95 18.72
N ALA A 308 11.71 1.70 19.78
CA ALA A 308 11.13 3.01 19.98
C ALA A 308 12.19 4.01 20.39
N LEU A 309 12.09 5.23 19.91
CA LEU A 309 12.97 6.31 20.34
C LEU A 309 12.15 7.24 21.24
N VAL A 310 12.72 7.61 22.38
CA VAL A 310 12.03 8.51 23.31
C VAL A 310 12.81 9.82 23.40
N PHE A 311 12.13 10.93 23.18
CA PHE A 311 12.75 12.26 23.13
C PHE A 311 12.27 13.08 24.32
N THR A 312 13.21 13.53 25.15
CA THR A 312 12.92 14.36 26.31
C THR A 312 13.36 15.79 26.03
N PRO A 313 12.41 16.70 25.81
CA PRO A 313 12.79 18.04 25.32
C PRO A 313 13.59 18.93 26.30
N GLU A 314 13.53 18.65 27.60
CA GLU A 314 14.31 19.43 28.56
C GLU A 314 15.78 19.44 28.21
N ASN A 315 16.31 18.27 27.86
CA ASN A 315 17.71 18.15 27.53
C ASN A 315 17.95 17.80 26.06
N GLN A 316 16.85 17.64 25.32
CA GLN A 316 16.91 17.25 23.91
C GLN A 316 17.55 15.87 23.71
N LYS A 317 17.43 14.99 24.69
CA LYS A 317 18.03 13.67 24.58
C LYS A 317 17.11 12.65 23.88
N ILE A 318 17.70 11.82 23.02
CA ILE A 318 16.98 10.71 22.40
C ILE A 318 17.54 9.40 22.94
N THR A 319 16.65 8.53 23.42
CA THR A 319 17.01 7.24 23.98
C THR A 319 16.26 6.14 23.25
N GLU A 320 16.96 5.08 22.86
CA GLU A 320 16.27 3.94 22.28
C GLU A 320 15.79 2.96 23.35
N THR A 321 14.57 2.50 23.20
CA THR A 321 14.08 1.41 24.03
C THR A 321 13.27 0.48 23.15
N ASN A 322 12.73 -0.58 23.73
CA ASN A 322 11.93 -1.50 22.94
C ASN A 322 10.48 -1.55 23.39
N LEU A 323 9.60 -1.90 22.46
CA LEU A 323 8.22 -2.13 22.79
C LEU A 323 8.13 -3.45 23.54
N LYS A 324 7.32 -3.50 24.59
CA LYS A 324 7.05 -4.76 25.24
C LYS A 324 5.96 -5.51 24.47
N THR A 325 5.70 -6.75 24.86
CA THR A 325 4.70 -7.56 24.17
C THR A 325 3.32 -6.91 24.22
N VAL A 326 2.66 -6.88 23.08
CA VAL A 326 1.37 -6.20 22.94
C VAL A 326 0.25 -7.23 22.79
N ASP A 327 -0.80 -7.08 23.60
CA ASP A 327 -1.95 -7.97 23.47
C ASP A 327 -2.81 -7.59 22.27
N ASP A 328 -2.82 -8.45 21.25
CA ASP A 328 -3.52 -8.14 20.01
C ASP A 328 -5.03 -8.29 20.13
N SER A 329 -5.51 -8.76 21.28
CA SER A 329 -6.94 -9.01 21.49
C SER A 329 -7.70 -7.77 21.98
N SER A 330 -7.02 -6.93 22.75
CA SER A 330 -7.64 -5.71 23.27
C SER A 330 -7.26 -4.49 22.45
N ILE A 331 -8.09 -3.45 22.52
CA ILE A 331 -7.85 -2.21 21.79
C ILE A 331 -6.59 -1.54 22.29
N ASP A 332 -5.76 -1.07 21.36
CA ASP A 332 -4.50 -0.42 21.68
C ASP A 332 -4.68 1.04 22.11
N TYR A 333 -5.28 1.27 23.28
CA TYR A 333 -5.39 2.62 23.79
C TYR A 333 -4.01 3.18 24.05
N THR A 334 -3.14 2.33 24.57
CA THR A 334 -1.73 2.68 24.80
C THR A 334 -0.86 1.51 24.40
N LEU A 335 0.45 1.76 24.29
CA LEU A 335 1.41 0.71 24.00
C LEU A 335 2.50 0.72 25.07
N PRO A 336 2.94 -0.47 25.49
CA PRO A 336 3.96 -0.57 26.54
C PRO A 336 5.39 -0.43 26.00
N LEU A 337 6.19 0.40 26.67
CA LEU A 337 7.60 0.58 26.35
C LEU A 337 8.43 0.15 27.55
N ALA A 338 9.58 -0.47 27.30
CA ALA A 338 10.43 -0.91 28.40
C ALA A 338 11.09 0.29 29.06
N GLY A 339 11.00 0.35 30.39
CA GLY A 339 11.66 1.40 31.14
C GLY A 339 10.78 2.60 31.42
N GLU A 340 11.21 3.43 32.37
CA GLU A 340 10.45 4.63 32.75
C GLU A 340 11.02 5.87 32.08
N PHE A 341 10.14 6.63 31.44
CA PHE A 341 10.49 7.89 30.81
C PHE A 341 9.49 8.95 31.26
N PRO A 342 9.89 10.23 31.26
CA PRO A 342 8.96 11.24 31.76
C PRO A 342 7.66 11.31 30.97
N VAL A 343 6.56 11.47 31.69
CA VAL A 343 5.27 11.77 31.08
C VAL A 343 5.43 12.94 30.13
N SER A 344 4.82 12.81 28.95
CA SER A 344 4.79 13.85 27.92
C SER A 344 6.07 13.95 27.08
N SER A 345 6.96 12.97 27.25
CA SER A 345 8.08 12.81 26.32
C SER A 345 7.54 12.34 24.98
N ALA A 346 8.22 12.70 23.90
CA ALA A 346 7.80 12.23 22.58
C ALA A 346 8.35 10.84 22.28
N VAL A 347 7.67 10.13 21.38
CA VAL A 347 8.02 8.76 21.05
C VAL A 347 7.99 8.59 19.54
N VAL A 348 9.04 7.99 18.99
CA VAL A 348 9.08 7.70 17.54
C VAL A 348 9.21 6.21 17.31
N LEU A 349 8.34 5.66 16.46
CA LEU A 349 8.46 4.28 15.98
C LEU A 349 8.54 4.30 14.46
N CYS A 350 8.95 3.18 13.88
CA CYS A 350 8.95 3.04 12.43
C CYS A 350 8.90 1.56 12.10
N PHE A 351 7.79 1.15 11.51
CA PHE A 351 7.50 -0.25 11.29
C PHE A 351 6.54 -0.35 10.11
N ARG A 352 6.27 -1.58 9.68
CA ARG A 352 5.40 -1.82 8.55
C ARG A 352 3.97 -1.60 9.03
N THR A 353 3.23 -0.71 8.39
CA THR A 353 1.84 -0.53 8.78
C THR A 353 0.88 -0.56 7.59
N GLN A 354 -0.41 -0.64 7.89
CA GLN A 354 -1.44 -0.39 6.91
C GLN A 354 -2.34 0.64 7.56
N ILE A 355 -2.08 1.91 7.25
CA ILE A 355 -2.69 2.99 8.03
C ILE A 355 -4.21 2.88 8.02
N PHE A 356 -4.77 2.45 6.89
CA PHE A 356 -6.21 2.42 6.72
C PHE A 356 -6.97 1.51 7.70
N VAL A 357 -6.27 0.58 8.34
CA VAL A 357 -6.94 -0.27 9.33
C VAL A 357 -6.63 0.16 10.77
N THR A 358 -6.02 1.33 10.89
CA THR A 358 -5.75 1.91 12.20
C THR A 358 -6.47 3.25 12.36
N ARG A 359 -6.25 3.95 13.46
CA ARG A 359 -6.93 5.24 13.61
C ARG A 359 -5.96 6.43 13.70
N SER A 360 -4.74 6.23 13.20
CA SER A 360 -3.72 7.28 13.20
C SER A 360 -4.06 8.47 12.30
N ASP A 361 -3.57 9.64 12.69
CA ASP A 361 -3.60 10.80 11.81
C ASP A 361 -2.45 10.64 10.82
N VAL A 362 -2.53 11.40 9.72
CA VAL A 362 -1.47 11.41 8.70
C VAL A 362 -1.11 12.87 8.50
N VAL A 363 0.13 13.23 8.82
CA VAL A 363 0.57 14.62 8.76
C VAL A 363 1.61 14.74 7.66
N LEU A 364 1.33 15.58 6.68
CA LEU A 364 2.20 15.69 5.51
C LEU A 364 3.18 16.84 5.67
N VAL A 365 4.47 16.53 5.63
CA VAL A 365 5.50 17.55 5.86
C VAL A 365 6.38 17.71 4.63
N SER A 366 6.38 18.90 4.05
CA SER A 366 7.24 19.16 2.91
C SER A 366 8.45 20.01 3.31
N GLY A 367 9.42 20.08 2.42
CA GLY A 367 10.59 20.93 2.63
C GLY A 367 11.71 20.34 3.47
N ILE A 368 11.59 19.07 3.84
CA ILE A 368 12.62 18.44 4.66
C ILE A 368 13.98 18.38 3.95
N HIS A 369 13.95 18.14 2.64
CA HIS A 369 15.18 18.08 1.86
C HIS A 369 15.94 19.39 1.88
N ARG A 370 15.21 20.49 2.04
CA ARG A 370 15.78 21.83 2.02
C ARG A 370 16.06 22.34 3.43
N GLY A 371 15.66 21.57 4.43
CA GLY A 371 15.89 21.95 5.81
C GLY A 371 14.88 22.97 6.30
N GLU A 372 13.71 22.99 5.65
CA GLU A 372 12.64 23.91 6.01
C GLU A 372 11.31 23.17 6.10
N PRO A 373 11.16 22.30 7.11
CA PRO A 373 9.93 21.49 7.23
C PRO A 373 8.70 22.34 7.48
N GLU A 374 7.63 22.03 6.76
CA GLU A 374 6.39 22.76 6.84
C GLU A 374 5.25 21.76 6.67
N ILE A 375 4.26 21.83 7.53
CA ILE A 375 3.10 20.96 7.42
C ILE A 375 2.18 21.47 6.32
N VAL A 376 1.89 20.62 5.34
CA VAL A 376 1.09 21.03 4.18
C VAL A 376 -0.24 20.29 4.12
N GLY A 377 -0.46 19.38 5.07
CA GLY A 377 -1.73 18.69 5.15
C GLY A 377 -1.85 17.86 6.41
N ARG A 378 -3.09 17.70 6.87
CA ARG A 378 -3.39 16.84 8.02
C ARG A 378 -4.63 16.05 7.68
N TYR A 379 -4.54 14.73 7.80
CA TYR A 379 -5.63 13.84 7.37
C TYR A 379 -5.83 12.74 8.40
N ASP A 380 -6.99 12.07 8.35
CA ASP A 380 -7.15 10.87 9.17
C ASP A 380 -6.79 9.59 8.37
N SER A 381 -6.92 8.44 9.02
CA SER A 381 -6.50 7.18 8.42
C SER A 381 -7.40 6.71 7.28
N LEU A 382 -8.56 7.34 7.16
CA LEU A 382 -9.53 6.95 6.13
C LEU A 382 -9.54 7.93 4.95
N GLY A 383 -8.60 8.87 4.95
CA GLY A 383 -8.45 9.79 3.85
C GLY A 383 -9.16 11.12 3.97
N ASN A 384 -9.75 11.41 5.13
CA ASN A 384 -10.43 12.68 5.34
C ASN A 384 -9.48 13.76 5.81
N SER A 385 -9.63 14.97 5.29
CA SER A 385 -8.85 16.10 5.77
C SER A 385 -9.31 16.48 7.16
N LEU A 386 -8.36 16.86 8.01
CA LEU A 386 -8.66 17.31 9.36
C LEU A 386 -8.78 18.83 9.39
N GLY A 387 -8.53 19.45 8.24
CA GLY A 387 -8.55 20.89 8.12
C GLY A 387 -7.16 21.44 7.85
S SO4 B . 1.55 -6.51 5.28
O1 SO4 B . 0.31 -6.95 5.90
O2 SO4 B . 2.66 -6.80 6.16
O3 SO4 B . 1.47 -5.07 5.04
O4 SO4 B . 1.73 -7.21 4.01
C1 GOL C . -16.84 2.94 -5.78
O1 GOL C . -17.29 1.61 -5.88
C2 GOL C . -17.77 3.83 -6.60
O2 GOL C . -17.69 3.42 -7.96
C3 GOL C . -17.30 5.27 -6.45
O3 GOL C . -18.14 6.11 -7.21
C1 GOL D . 16.92 15.76 16.11
O1 GOL D . 16.75 14.37 15.96
C2 GOL D . 16.85 16.33 17.53
O2 GOL D . 17.21 15.36 18.47
C3 GOL D . 15.45 16.88 17.79
O3 GOL D . 15.09 17.74 16.73
C1 GOL E . 0.24 -28.25 -27.60
O1 GOL E . 0.80 -29.41 -28.18
C2 GOL E . 0.51 -27.04 -28.50
O2 GOL E . -0.63 -26.20 -28.52
C3 GOL E . 0.82 -27.50 -29.91
O3 GOL E . 0.35 -26.52 -30.81
CL CL F . 11.99 16.48 29.18
#